data_7WIN
#
_entry.id   7WIN
#
_cell.length_a   41.344
_cell.length_b   53.860
_cell.length_c   44.510
_cell.angle_alpha   90.000
_cell.angle_beta   96.780
_cell.angle_gamma   90.000
#
_symmetry.space_group_name_H-M   'P 1 21 1'
#
loop_
_entity.id
_entity.type
_entity.pdbx_description
1 polymer 'Bromodomain adjacent to zinc finger domain protein 2B'
2 water water
#
_entity_poly.entity_id   1
_entity_poly.type   'polypeptide(L)'
_entity_poly.pdbx_seq_one_letter_code
;GRRRVTDERELRIPLEYGWQRETRIRNFGGRLQGEVAYYAPCGKKLRQYPEVIKYLSRNGIMDISRDNFSFSAKIRVGDF
YEARDGPQGMQWCLLKEEDVIPRIRAMEGRRG
;
_entity_poly.pdbx_strand_id   A,B
#
# COMPACT_ATOMS: atom_id res chain seq x y z
N ARG A 9 17.27 -9.26 1.52
CA ARG A 9 16.67 -10.65 1.36
C ARG A 9 15.99 -11.05 2.66
N GLU A 10 16.71 -10.98 3.77
CA GLU A 10 16.18 -11.26 5.13
C GLU A 10 14.99 -10.33 5.43
N LEU A 11 15.03 -9.07 4.99
CA LEU A 11 13.99 -8.06 5.31
C LEU A 11 12.79 -8.25 4.40
N ARG A 12 12.93 -9.01 3.32
CA ARG A 12 11.80 -9.29 2.39
C ARG A 12 10.95 -10.46 2.88
N ILE A 13 11.51 -11.33 3.74
CA ILE A 13 10.84 -12.60 4.13
C ILE A 13 9.48 -12.31 4.76
N PRO A 14 9.37 -11.39 5.75
CA PRO A 14 8.06 -11.07 6.35
C PRO A 14 7.02 -10.67 5.29
N LEU A 15 7.45 -9.91 4.28
CA LEU A 15 6.53 -9.41 3.22
C LEU A 15 5.88 -10.59 2.49
N GLU A 16 6.60 -11.69 2.35
CA GLU A 16 6.08 -12.91 1.68
C GLU A 16 5.00 -13.55 2.57
N TYR A 17 5.03 -13.33 3.89
CA TYR A 17 4.04 -13.90 4.83
C TYR A 17 2.89 -12.91 5.06
N GLY A 18 2.85 -11.82 4.29
CA GLY A 18 1.74 -10.85 4.32
C GLY A 18 1.95 -9.73 5.33
N TRP A 19 3.18 -9.50 5.79
CA TRP A 19 3.53 -8.26 6.50
C TRP A 19 3.70 -7.17 5.43
N GLN A 20 3.43 -5.90 5.76
CA GLN A 20 3.71 -4.74 4.88
C GLN A 20 4.76 -3.88 5.58
N ARG A 21 5.72 -3.32 4.84
CA ARG A 21 6.70 -2.34 5.40
C ARG A 21 6.46 -1.03 4.68
N GLU A 22 6.28 0.06 5.43
CA GLU A 22 5.96 1.40 4.90
C GLU A 22 6.91 2.41 5.53
N THR A 23 7.50 3.28 4.73
CA THR A 23 8.36 4.40 5.17
C THR A 23 7.66 5.70 4.76
N ARG A 24 7.40 6.55 5.74
CA ARG A 24 6.78 7.87 5.53
C ARG A 24 7.89 8.91 5.65
N ILE A 25 8.01 9.77 4.65
CA ILE A 25 9.00 10.87 4.64
C ILE A 25 8.24 12.19 4.77
N ARG A 26 8.62 12.99 5.75
CA ARG A 26 8.09 14.33 6.03
C ARG A 26 9.23 15.32 5.83
N ASN A 27 8.94 16.42 5.14
CA ASN A 27 9.92 17.51 4.89
C ASN A 27 9.59 18.59 5.90
N PHE A 28 10.40 18.75 6.95
CA PHE A 28 10.26 19.86 7.94
C PHE A 28 11.31 20.92 7.57
N GLY A 29 10.88 21.99 6.88
CA GLY A 29 11.71 23.13 6.44
C GLY A 29 12.97 22.70 5.72
N GLY A 30 12.87 21.73 4.80
CA GLY A 30 14.01 21.19 4.03
C GLY A 30 14.76 20.07 4.74
N ARG A 31 14.44 19.76 5.99
CA ARG A 31 15.04 18.62 6.74
C ARG A 31 14.07 17.43 6.64
N LEU A 32 14.43 16.41 5.87
CA LEU A 32 13.60 15.19 5.69
C LEU A 32 13.69 14.32 6.94
N GLN A 33 12.55 13.80 7.40
CA GLN A 33 12.44 12.85 8.53
C GLN A 33 11.69 11.61 8.01
N GLY A 34 12.32 10.44 8.13
CA GLY A 34 11.74 9.16 7.67
C GLY A 34 11.25 8.38 8.87
N GLU A 35 10.10 7.73 8.74
CA GLU A 35 9.54 6.92 9.83
C GLU A 35 9.00 5.62 9.22
N VAL A 36 9.35 4.48 9.83
CA VAL A 36 8.97 3.13 9.30
C VAL A 36 7.88 2.56 10.19
N ALA A 37 6.86 1.97 9.58
CA ALA A 37 5.87 1.11 10.26
C ALA A 37 5.75 -0.21 9.49
N TYR A 38 5.51 -1.26 10.27
CA TYR A 38 5.13 -2.59 9.77
C TYR A 38 3.63 -2.75 10.03
N TYR A 39 2.94 -3.42 9.13
CA TYR A 39 1.55 -3.89 9.34
C TYR A 39 1.63 -5.41 9.36
N ALA A 40 1.28 -6.02 10.49
CA ALA A 40 1.34 -7.48 10.65
C ALA A 40 0.28 -8.10 9.74
N PRO A 41 0.33 -9.40 9.42
CA PRO A 41 -0.66 -10.01 8.53
C PRO A 41 -2.12 -9.72 8.98
N CYS A 42 -2.38 -9.56 10.29
CA CYS A 42 -3.70 -9.15 10.87
C CYS A 42 -3.99 -7.65 10.70
N GLY A 43 -3.09 -6.87 10.09
CA GLY A 43 -3.27 -5.42 9.88
C GLY A 43 -2.74 -4.57 11.03
N LYS A 44 -2.43 -5.17 12.18
CA LYS A 44 -1.96 -4.40 13.36
C LYS A 44 -0.72 -3.61 12.92
N LYS A 45 -0.68 -2.31 13.23
CA LYS A 45 0.46 -1.41 12.94
C LYS A 45 1.47 -1.52 14.09
N LEU A 46 2.71 -1.77 13.74
CA LEU A 46 3.82 -1.90 14.73
C LEU A 46 4.90 -0.88 14.37
N ARG A 47 5.42 -0.19 15.37
CA ARG A 47 6.29 0.99 15.14
C ARG A 47 7.63 0.86 15.87
N GLN A 48 7.84 -0.21 16.65
CA GLN A 48 9.09 -0.36 17.43
C GLN A 48 9.42 -1.84 17.55
N TYR A 49 10.72 -2.16 17.66
CA TYR A 49 11.22 -3.56 17.78
C TYR A 49 10.53 -4.27 18.94
N PRO A 50 10.40 -3.69 20.15
CA PRO A 50 9.79 -4.43 21.27
C PRO A 50 8.34 -4.86 20.96
N GLU A 51 7.54 -3.99 20.33
CA GLU A 51 6.17 -4.32 19.83
C GLU A 51 6.26 -5.47 18.83
N VAL A 52 7.22 -5.43 17.90
CA VAL A 52 7.37 -6.53 16.91
C VAL A 52 7.66 -7.86 17.64
N ILE A 53 8.64 -7.87 18.53
CA ILE A 53 9.04 -9.06 19.35
C ILE A 53 7.85 -9.52 20.19
N LYS A 54 7.17 -8.64 20.93
CA LYS A 54 5.93 -9.02 21.69
C LYS A 54 4.92 -9.65 20.72
N TYR A 55 4.76 -9.12 19.50
CA TYR A 55 3.75 -9.62 18.54
C TYR A 55 4.13 -11.06 18.14
N LEU A 56 5.42 -11.30 17.85
CA LEU A 56 5.98 -12.62 17.44
C LEU A 56 5.74 -13.67 18.56
N SER A 57 6.04 -13.29 19.81
CA SER A 57 5.83 -14.09 21.06
C SER A 57 4.35 -14.42 21.22
N ARG A 58 3.49 -13.39 21.20
CA ARG A 58 2.04 -13.43 21.58
C ARG A 58 1.21 -14.18 20.53
N ASN A 59 1.73 -14.33 19.31
CA ASN A 59 0.99 -14.87 18.15
C ASN A 59 1.73 -16.12 17.63
N GLY A 60 2.69 -16.61 18.41
CA GLY A 60 3.52 -17.78 18.08
C GLY A 60 3.86 -17.83 16.60
N ILE A 61 4.30 -16.72 16.01
CA ILE A 61 4.99 -16.71 14.69
C ILE A 61 6.46 -16.94 15.00
N MET A 62 7.12 -17.97 14.49
CA MET A 62 8.57 -18.04 14.86
C MET A 62 9.51 -18.34 13.68
N ASP A 63 9.00 -18.55 12.46
CA ASP A 63 9.82 -18.54 11.21
C ASP A 63 10.78 -17.34 11.21
N ILE A 64 10.28 -16.14 11.54
CA ILE A 64 11.02 -14.84 11.45
C ILE A 64 11.40 -14.37 12.86
N SER A 65 12.40 -13.51 12.93
CA SER A 65 12.89 -12.93 14.21
C SER A 65 13.32 -11.47 13.98
N ARG A 66 14.02 -10.91 14.96
CA ARG A 66 14.54 -9.53 14.96
C ARG A 66 15.28 -9.25 13.64
N ASP A 67 16.09 -10.21 13.18
CA ASP A 67 16.96 -10.04 12.00
C ASP A 67 16.11 -9.85 10.73
N ASN A 68 14.82 -10.17 10.73
CA ASN A 68 13.99 -10.01 9.50
C ASN A 68 13.31 -8.64 9.49
N PHE A 69 13.64 -7.78 10.45
CA PHE A 69 12.95 -6.48 10.63
C PHE A 69 13.96 -5.36 10.76
N SER A 70 13.62 -4.22 10.20
CA SER A 70 14.37 -2.96 10.37
C SER A 70 13.37 -1.82 10.46
N PHE A 71 13.58 -0.92 11.41
CA PHE A 71 12.86 0.36 11.51
C PHE A 71 13.71 1.50 10.96
N SER A 72 14.80 1.19 10.26
CA SER A 72 15.62 2.25 9.64
C SER A 72 14.94 2.76 8.36
N ALA A 73 14.77 4.08 8.23
CA ALA A 73 14.11 4.76 7.09
C ALA A 73 15.04 4.83 5.86
N LYS A 74 16.23 4.24 5.94
CA LYS A 74 17.26 4.27 4.86
C LYS A 74 17.31 2.94 4.11
N ILE A 75 16.37 2.01 4.35
CA ILE A 75 16.37 0.66 3.71
C ILE A 75 15.36 0.65 2.52
N ARG A 76 15.78 0.24 1.32
CA ARG A 76 14.91 0.18 0.12
C ARG A 76 14.12 -1.13 0.16
N VAL A 77 13.23 -1.28 1.14
CA VAL A 77 12.30 -2.43 1.20
C VAL A 77 10.95 -1.89 1.59
N GLY A 78 9.90 -2.33 0.88
CA GLY A 78 8.53 -1.85 1.10
C GLY A 78 8.28 -0.54 0.40
N ASP A 79 7.09 0.01 0.60
CA ASP A 79 6.65 1.23 -0.11
C ASP A 79 7.14 2.43 0.69
N PHE A 80 7.53 3.49 -0.03
CA PHE A 80 7.87 4.82 0.49
C PHE A 80 6.77 5.79 0.07
N TYR A 81 6.39 6.65 1.00
CA TYR A 81 5.42 7.75 0.81
C TYR A 81 6.07 9.03 1.30
N GLU A 82 5.91 10.10 0.54
CA GLU A 82 6.36 11.45 1.01
C GLU A 82 5.14 12.37 1.14
N ALA A 83 5.05 13.12 2.25
CA ALA A 83 3.94 14.07 2.48
C ALA A 83 4.16 15.29 1.56
N ARG A 84 3.16 15.61 0.74
CA ARG A 84 3.28 16.65 -0.30
C ARG A 84 2.05 17.55 -0.20
N ASP A 85 2.27 18.85 -0.07
CA ASP A 85 1.17 19.85 0.02
C ASP A 85 0.62 20.02 -1.40
N GLY A 86 -0.68 20.25 -1.55
CA GLY A 86 -1.28 20.43 -2.88
C GLY A 86 -2.69 20.97 -2.80
N PRO A 87 -3.34 21.17 -3.97
CA PRO A 87 -4.76 21.53 -4.06
C PRO A 87 -5.69 20.94 -2.99
N GLN A 88 -5.56 19.64 -2.70
CA GLN A 88 -6.41 18.86 -1.74
C GLN A 88 -5.86 18.95 -0.31
N GLY A 89 -4.81 19.75 -0.10
CA GLY A 89 -4.02 19.78 1.14
C GLY A 89 -2.97 18.66 1.17
N MET A 90 -2.58 18.24 2.37
CA MET A 90 -1.55 17.19 2.61
C MET A 90 -1.97 15.88 1.94
N GLN A 91 -1.10 15.34 1.09
CA GLN A 91 -1.29 13.98 0.55
C GLN A 91 0.00 13.19 0.71
N TRP A 92 -0.16 11.90 0.91
CA TRP A 92 0.96 10.94 0.85
C TRP A 92 1.13 10.58 -0.63
N CYS A 93 2.28 10.90 -1.20
CA CYS A 93 2.65 10.47 -2.56
C CYS A 93 3.53 9.22 -2.46
N LEU A 94 3.15 8.18 -3.22
CA LEU A 94 3.92 6.94 -3.37
C LEU A 94 5.17 7.27 -4.17
N LEU A 95 6.35 7.02 -3.61
CA LEU A 95 7.63 7.15 -4.35
C LEU A 95 7.68 6.04 -5.38
N LYS A 96 7.99 6.39 -6.62
CA LYS A 96 8.35 5.39 -7.64
C LYS A 96 9.61 4.67 -7.15
N GLU A 97 9.86 3.47 -7.65
CA GLU A 97 11.08 2.72 -7.29
C GLU A 97 12.30 3.62 -7.49
N GLU A 98 12.40 4.33 -8.62
CA GLU A 98 13.56 5.20 -8.97
C GLU A 98 13.65 6.44 -8.05
N ASP A 99 12.60 6.76 -7.28
CA ASP A 99 12.49 7.97 -6.45
C ASP A 99 13.19 7.74 -5.10
N VAL A 100 13.34 6.50 -4.67
CA VAL A 100 13.64 6.18 -3.26
C VAL A 100 15.10 6.55 -2.96
N ILE A 101 16.07 6.04 -3.70
CA ILE A 101 17.51 6.29 -3.38
C ILE A 101 17.76 7.79 -3.33
N PRO A 102 17.35 8.60 -4.34
CA PRO A 102 17.51 10.04 -4.25
C PRO A 102 16.94 10.66 -2.97
N ARG A 103 15.77 10.25 -2.48
CA ARG A 103 15.17 10.87 -1.26
C ARG A 103 15.90 10.37 -0.01
N ILE A 104 16.37 9.12 0.01
CA ILE A 104 17.26 8.64 1.13
C ILE A 104 18.52 9.52 1.17
N ARG A 105 19.15 9.73 0.01
CA ARG A 105 20.39 10.54 -0.11
C ARG A 105 20.09 11.98 0.35
N ALA A 106 18.95 12.56 -0.05
CA ALA A 106 18.46 13.87 0.45
C ALA A 106 18.39 13.87 1.99
N MET A 107 17.90 12.79 2.59
CA MET A 107 17.74 12.71 4.07
C MET A 107 19.10 12.92 4.75
N GLU A 108 20.19 12.46 4.11
CA GLU A 108 21.54 12.37 4.71
C GLU A 108 22.31 13.70 4.51
N GLY A 109 22.10 14.39 3.37
CA GLY A 109 22.86 15.60 2.98
C GLY A 109 22.47 16.83 3.78
N GLU B 8 -20.33 -4.42 0.47
CA GLU B 8 -19.00 -3.89 0.92
C GLU B 8 -18.36 -4.89 1.91
N ARG B 9 -19.15 -5.45 2.83
CA ARG B 9 -18.69 -6.50 3.79
C ARG B 9 -17.94 -7.57 2.99
N GLU B 10 -18.61 -8.10 1.96
CA GLU B 10 -18.15 -9.13 0.99
C GLU B 10 -16.76 -8.77 0.45
N LEU B 11 -16.64 -7.54 -0.04
CA LEU B 11 -15.43 -7.11 -0.80
C LEU B 11 -14.34 -6.68 0.18
N ARG B 12 -14.63 -6.53 1.46
CA ARG B 12 -13.60 -6.16 2.47
C ARG B 12 -12.92 -7.42 3.00
N ILE B 13 -13.54 -8.59 2.87
CA ILE B 13 -13.00 -9.84 3.50
C ILE B 13 -11.53 -9.97 3.12
N PRO B 14 -11.12 -9.82 1.84
CA PRO B 14 -9.73 -10.11 1.48
C PRO B 14 -8.74 -9.20 2.22
N LEU B 15 -9.14 -7.96 2.53
CA LEU B 15 -8.29 -7.00 3.28
C LEU B 15 -8.04 -7.59 4.68
N GLU B 16 -9.03 -8.29 5.22
CA GLU B 16 -8.95 -8.93 6.57
C GLU B 16 -7.99 -10.11 6.50
N TYR B 17 -7.72 -10.64 5.31
CA TYR B 17 -6.77 -11.76 5.07
C TYR B 17 -5.41 -11.22 4.61
N GLY B 18 -5.22 -9.90 4.62
CA GLY B 18 -3.91 -9.26 4.37
C GLY B 18 -3.69 -8.93 2.91
N TRP B 19 -4.73 -8.99 2.08
CA TRP B 19 -4.66 -8.49 0.69
C TRP B 19 -4.76 -6.97 0.72
N GLN B 20 -4.33 -6.32 -0.36
CA GLN B 20 -4.54 -4.89 -0.61
C GLN B 20 -5.38 -4.69 -1.88
N ARG B 21 -6.25 -3.70 -1.86
CA ARG B 21 -6.99 -3.25 -3.07
C ARG B 21 -6.59 -1.82 -3.36
N GLU B 22 -6.17 -1.56 -4.60
CA GLU B 22 -5.72 -0.23 -5.08
C GLU B 22 -6.52 0.18 -6.33
N THR B 23 -7.01 1.42 -6.34
CA THR B 23 -7.68 2.05 -7.50
C THR B 23 -6.84 3.26 -7.93
N ARG B 24 -6.32 3.22 -9.16
CA ARG B 24 -5.56 4.35 -9.75
C ARG B 24 -6.49 5.11 -10.68
N ILE B 25 -6.60 6.42 -10.52
CA ILE B 25 -7.57 7.28 -11.23
C ILE B 25 -6.76 8.21 -12.12
N ARG B 26 -7.12 8.26 -13.40
CA ARG B 26 -6.52 9.18 -14.38
C ARG B 26 -7.65 9.99 -14.99
N ASN B 27 -7.42 11.29 -15.17
CA ASN B 27 -8.36 12.21 -15.85
C ASN B 27 -7.87 12.38 -17.29
N PHE B 28 -8.42 11.60 -18.23
CA PHE B 28 -8.12 11.70 -19.69
C PHE B 28 -8.98 12.81 -20.30
N GLY B 29 -8.51 14.06 -20.17
CA GLY B 29 -9.13 15.27 -20.73
C GLY B 29 -10.54 15.46 -20.21
N GLY B 30 -10.69 15.67 -18.90
CA GLY B 30 -11.98 15.92 -18.23
C GLY B 30 -12.67 14.64 -17.78
N ARG B 31 -12.39 13.50 -18.42
CA ARG B 31 -13.05 12.20 -18.15
C ARG B 31 -12.21 11.33 -17.21
N LEU B 32 -12.76 11.03 -16.03
CA LEU B 32 -12.09 10.20 -15.01
C LEU B 32 -12.23 8.73 -15.39
N GLN B 33 -11.12 7.99 -15.34
CA GLN B 33 -11.07 6.53 -15.50
C GLN B 33 -10.27 5.95 -14.33
N GLY B 34 -10.67 4.77 -13.88
CA GLY B 34 -9.99 4.07 -12.79
C GLY B 34 -9.55 2.70 -13.23
N GLU B 35 -8.47 2.23 -12.65
CA GLU B 35 -7.97 0.84 -12.84
C GLU B 35 -7.73 0.24 -11.47
N VAL B 36 -8.32 -0.92 -11.21
CA VAL B 36 -8.20 -1.64 -9.90
C VAL B 36 -7.12 -2.71 -10.05
N ALA B 37 -6.30 -2.88 -9.03
CA ALA B 37 -5.41 -4.03 -8.85
C ALA B 37 -5.55 -4.53 -7.42
N TYR B 38 -5.37 -5.83 -7.23
CA TYR B 38 -5.15 -6.40 -5.90
C TYR B 38 -3.68 -6.77 -5.77
N TYR B 39 -3.21 -6.72 -4.53
CA TYR B 39 -1.94 -7.36 -4.13
C TYR B 39 -2.28 -8.49 -3.15
N ALA B 40 -1.90 -9.71 -3.50
CA ALA B 40 -2.03 -10.87 -2.61
C ALA B 40 -1.20 -10.61 -1.33
N PRO B 41 -1.40 -11.37 -0.24
CA PRO B 41 -0.61 -11.16 0.98
C PRO B 41 0.91 -11.24 0.78
N CYS B 42 1.38 -12.00 -0.21
CA CYS B 42 2.82 -12.17 -0.55
C CYS B 42 3.35 -10.96 -1.32
N GLY B 43 2.47 -10.04 -1.75
CA GLY B 43 2.87 -8.88 -2.56
C GLY B 43 2.56 -9.06 -4.04
N LYS B 44 2.15 -10.27 -4.49
CA LYS B 44 1.90 -10.50 -5.95
C LYS B 44 0.76 -9.58 -6.42
N LYS B 45 0.97 -8.83 -7.50
CA LYS B 45 -0.02 -7.92 -8.12
C LYS B 45 -0.94 -8.69 -9.06
N LEU B 46 -2.25 -8.60 -8.84
CA LEU B 46 -3.31 -9.30 -9.63
C LEU B 46 -4.26 -8.26 -10.24
N ARG B 47 -4.48 -8.35 -11.55
CA ARG B 47 -5.08 -7.25 -12.35
C ARG B 47 -6.40 -7.67 -12.97
N GLN B 48 -6.86 -8.91 -12.79
CA GLN B 48 -8.19 -9.36 -13.33
C GLN B 48 -8.61 -10.67 -12.66
N TYR B 49 -9.90 -11.02 -12.76
CA TYR B 49 -10.53 -12.18 -12.05
C TYR B 49 -9.72 -13.43 -12.32
N PRO B 50 -9.41 -13.74 -13.61
CA PRO B 50 -8.73 -14.99 -13.93
C PRO B 50 -7.43 -15.06 -13.12
N GLU B 51 -6.76 -13.92 -12.94
CA GLU B 51 -5.47 -13.88 -12.20
C GLU B 51 -5.75 -14.19 -10.74
N VAL B 52 -6.83 -13.65 -10.18
CA VAL B 52 -7.19 -13.93 -8.78
C VAL B 52 -7.51 -15.44 -8.62
N ILE B 53 -8.34 -16.00 -9.49
CA ILE B 53 -8.80 -17.42 -9.39
C ILE B 53 -7.57 -18.33 -9.38
N LYS B 54 -6.66 -18.08 -10.32
CA LYS B 54 -5.41 -18.88 -10.47
C LYS B 54 -4.65 -18.79 -9.16
N TYR B 55 -4.55 -17.60 -8.60
CA TYR B 55 -3.76 -17.39 -7.38
C TYR B 55 -4.39 -18.21 -6.25
N LEU B 56 -5.72 -18.15 -6.14
CA LEU B 56 -6.45 -18.86 -5.05
C LEU B 56 -6.25 -20.37 -5.27
N SER B 57 -6.40 -20.86 -6.51
CA SER B 57 -6.24 -22.29 -6.92
C SER B 57 -4.83 -22.79 -6.60
N ARG B 58 -3.84 -22.11 -7.18
CA ARG B 58 -2.38 -22.39 -7.00
C ARG B 58 -2.04 -22.40 -5.51
N ASN B 59 -2.64 -21.54 -4.69
CA ASN B 59 -2.25 -21.38 -3.27
C ASN B 59 -3.15 -22.14 -2.29
N GLY B 60 -4.09 -22.96 -2.76
CA GLY B 60 -5.01 -23.70 -1.87
C GLY B 60 -5.85 -22.81 -0.95
N ILE B 61 -6.29 -21.64 -1.44
CA ILE B 61 -7.11 -20.70 -0.64
C ILE B 61 -8.57 -21.05 -0.93
N MET B 62 -9.34 -21.42 0.11
CA MET B 62 -10.76 -21.76 -0.07
C MET B 62 -11.66 -20.93 0.86
N ASP B 63 -11.11 -20.23 1.84
CA ASP B 63 -11.94 -19.43 2.78
C ASP B 63 -12.62 -18.28 2.01
N ILE B 64 -11.91 -17.69 1.02
CA ILE B 64 -12.40 -16.61 0.13
C ILE B 64 -12.47 -17.13 -1.30
N SER B 65 -13.30 -16.49 -2.13
CA SER B 65 -13.62 -16.96 -3.50
C SER B 65 -13.67 -15.73 -4.41
N ARG B 66 -13.93 -15.97 -5.68
CA ARG B 66 -14.19 -14.92 -6.69
C ARG B 66 -15.24 -13.91 -6.20
N ASP B 67 -16.24 -14.34 -5.41
CA ASP B 67 -17.28 -13.44 -4.86
C ASP B 67 -16.66 -12.34 -3.99
N ASN B 68 -15.49 -12.57 -3.37
CA ASN B 68 -14.91 -11.55 -2.45
C ASN B 68 -14.14 -10.46 -3.20
N PHE B 69 -14.13 -10.47 -4.52
CA PHE B 69 -13.25 -9.58 -5.34
C PHE B 69 -14.06 -8.85 -6.41
N SER B 70 -13.68 -7.61 -6.66
CA SER B 70 -14.26 -6.77 -7.74
C SER B 70 -13.17 -5.89 -8.31
N PHE B 71 -13.17 -5.72 -9.63
CA PHE B 71 -12.27 -4.80 -10.33
C PHE B 71 -13.04 -3.54 -10.77
N SER B 72 -14.19 -3.26 -10.16
CA SER B 72 -14.92 -1.97 -10.38
C SER B 72 -14.19 -0.85 -9.65
N ALA B 73 -13.82 0.19 -10.40
CA ALA B 73 -13.23 1.43 -9.86
C ALA B 73 -14.26 2.29 -9.13
N LYS B 74 -15.53 1.88 -9.04
CA LYS B 74 -16.61 2.70 -8.41
C LYS B 74 -16.95 2.14 -7.02
N ILE B 75 -16.15 1.21 -6.51
CA ILE B 75 -16.33 0.55 -5.18
C ILE B 75 -15.42 1.27 -4.20
N ARG B 76 -15.97 1.81 -3.11
CA ARG B 76 -15.21 2.53 -2.06
C ARG B 76 -14.62 1.51 -1.09
N VAL B 77 -13.76 0.63 -1.59
CA VAL B 77 -13.01 -0.35 -0.76
C VAL B 77 -11.55 -0.25 -1.16
N GLY B 78 -10.68 -0.12 -0.16
CA GLY B 78 -9.22 -0.05 -0.29
C GLY B 78 -8.77 1.36 -0.63
N ASP B 79 -7.60 1.49 -1.23
CA ASP B 79 -6.86 2.77 -1.37
C ASP B 79 -7.06 3.36 -2.78
N PHE B 80 -7.25 4.68 -2.86
CA PHE B 80 -7.39 5.42 -4.15
C PHE B 80 -6.19 6.34 -4.34
N TYR B 81 -5.64 6.34 -5.56
CA TYR B 81 -4.53 7.22 -5.96
C TYR B 81 -4.91 8.01 -7.21
N GLU B 82 -4.38 9.21 -7.26
CA GLU B 82 -4.43 10.09 -8.47
C GLU B 82 -3.01 10.56 -8.75
N ALA B 83 -2.68 10.77 -10.02
CA ALA B 83 -1.32 11.16 -10.49
C ALA B 83 -1.13 12.64 -10.21
N ARG B 84 0.00 13.01 -9.61
CA ARG B 84 0.35 14.43 -9.33
C ARG B 84 1.83 14.62 -9.65
N ASP B 85 2.16 15.75 -10.25
CA ASP B 85 3.54 16.06 -10.69
C ASP B 85 4.31 16.57 -9.48
N GLY B 86 5.61 16.70 -9.61
CA GLY B 86 6.46 17.17 -8.53
C GLY B 86 7.91 17.10 -8.98
N PRO B 87 8.87 17.40 -8.08
CA PRO B 87 10.28 17.49 -8.45
C PRO B 87 10.89 16.14 -8.88
N GLN B 88 10.23 15.01 -8.58
CA GLN B 88 10.63 13.65 -9.02
C GLN B 88 9.73 13.19 -10.17
N GLY B 89 8.94 14.10 -10.73
CA GLY B 89 8.01 13.78 -11.82
C GLY B 89 6.73 13.19 -11.26
N MET B 90 5.90 12.61 -12.11
CA MET B 90 4.55 12.06 -11.78
C MET B 90 4.66 10.98 -10.68
N GLN B 91 3.80 11.07 -9.68
CA GLN B 91 3.69 10.02 -8.64
C GLN B 91 2.22 9.71 -8.46
N TRP B 92 1.92 8.49 -8.03
CA TRP B 92 0.59 8.12 -7.52
C TRP B 92 0.48 8.71 -6.12
N CYS B 93 -0.45 9.62 -5.91
CA CYS B 93 -0.71 10.25 -4.59
C CYS B 93 -2.04 9.74 -4.02
N LEU B 94 -2.01 9.37 -2.74
CA LEU B 94 -3.13 8.74 -2.02
C LEU B 94 -4.20 9.81 -1.80
N LEU B 95 -5.42 9.52 -2.24
CA LEU B 95 -6.61 10.34 -1.93
C LEU B 95 -7.03 10.06 -0.49
N LYS B 96 -7.19 11.13 0.28
CA LYS B 96 -7.84 11.04 1.61
C LYS B 96 -9.22 10.43 1.37
N GLU B 97 -9.70 9.58 2.27
CA GLU B 97 -10.97 8.82 2.09
C GLU B 97 -12.08 9.79 1.69
N GLU B 98 -12.09 10.97 2.30
CA GLU B 98 -13.15 12.00 2.10
C GLU B 98 -13.06 12.69 0.73
N ASP B 99 -12.02 12.44 -0.08
CA ASP B 99 -11.88 13.01 -1.46
C ASP B 99 -12.20 11.96 -2.51
N VAL B 100 -12.41 10.70 -2.10
CA VAL B 100 -12.70 9.57 -3.03
C VAL B 100 -14.09 9.76 -3.63
N ILE B 101 -15.08 10.15 -2.82
CA ILE B 101 -16.52 10.12 -3.24
C ILE B 101 -16.72 10.86 -4.56
N PRO B 102 -16.25 12.11 -4.70
CA PRO B 102 -16.43 12.86 -5.94
C PRO B 102 -15.84 12.13 -7.17
N ARG B 103 -14.76 11.37 -6.95
CA ARG B 103 -14.14 10.58 -8.04
C ARG B 103 -15.13 9.49 -8.45
N ILE B 104 -15.59 8.69 -7.48
CA ILE B 104 -16.60 7.61 -7.74
C ILE B 104 -17.79 8.24 -8.48
N ARG B 105 -18.35 9.34 -7.94
CA ARG B 105 -19.61 9.94 -8.45
C ARG B 105 -19.43 10.33 -9.92
N ALA B 106 -18.27 10.89 -10.27
CA ALA B 106 -17.90 11.29 -11.66
C ALA B 106 -17.90 10.07 -12.60
N MET B 107 -17.62 8.86 -12.09
CA MET B 107 -17.52 7.65 -12.95
C MET B 107 -18.86 6.92 -13.02
N GLU B 108 -19.84 7.29 -12.21
CA GLU B 108 -21.19 6.64 -12.19
C GLU B 108 -22.05 7.28 -13.28
N GLY B 109 -23.10 6.58 -13.70
CA GLY B 109 -23.90 6.96 -14.87
C GLY B 109 -23.30 6.36 -16.12
N ARG B 110 -23.07 7.19 -17.15
CA ARG B 110 -22.19 6.88 -18.31
C ARG B 110 -22.20 5.37 -18.66
#